data_6M5M
#
_entry.id   6M5M
#
_cell.length_a   44.460
_cell.length_b   44.460
_cell.length_c   303.613
_cell.angle_alpha   90.000
_cell.angle_beta   90.000
_cell.angle_gamma   120.000
#
_symmetry.space_group_name_H-M   'P 65'
#
loop_
_entity.id
_entity.type
_entity.pdbx_description
1 polymer 'N-acetylglucosamine-specific lectin'
2 polymer 'N-acetylglucosamine-specific lectin'
3 non-polymer 'CALCIUM ION'
4 non-polymer 2-acetamido-2-deoxy-beta-D-glucopyranose
5 water water
#
loop_
_entity_poly.entity_id
_entity_poly.type
_entity_poly.pdbx_seq_one_letter_code
_entity_poly.pdbx_strand_id
1 'polypeptide(L)'
;MLNGPSIIISLFFCFVSGAYACCKCDCQSGWEWFGGSCYLFDETERGWEDSKTFCESQNAALVTVESSEEDDFIRGVISA
QSAFHYYWIGGSWDAEHSEYRWIDGSSISFNGWGPNRPDADEGCMDYLNYKEIVWQWNDHQDCVNTKGPSICETDCSE
;
A
2 'polypeptide(L)'
;MLNGASIIVSLFLCFVGGAYACCSEDDCPSGWKFFGGSCYLFDEGSRGWEGSKAFCESKDASLVTVECSKEDDFIRGILS
GQTAKHYYWIGARWNEEHNDYRWIDGSPFTFIGWGPGKPDNNKGCLDYLNYKEVVWQWNDHVDCENTNGPCICEIDCSD
;
B
#
loop_
_chem_comp.id
_chem_comp.type
_chem_comp.name
_chem_comp.formula
CA non-polymer 'CALCIUM ION' 'Ca 2'
NAG D-saccharide, beta linking 2-acetamido-2-deoxy-beta-D-glucopyranose 'C8 H15 N O6'
#
# COMPACT_ATOMS: atom_id res chain seq x y z
N CYS A 22 -0.31 3.78 -6.61
CA CYS A 22 -1.74 4.14 -6.76
C CYS A 22 -2.25 4.87 -5.51
N CYS A 23 -3.01 5.95 -5.70
CA CYS A 23 -3.81 6.61 -4.63
C CYS A 23 -5.00 5.71 -4.29
N LYS A 24 -5.43 5.76 -3.04
CA LYS A 24 -6.43 4.83 -2.45
C LYS A 24 -7.73 4.80 -3.26
N CYS A 25 -8.04 5.89 -3.98
CA CYS A 25 -9.31 6.07 -4.73
C CYS A 25 -9.07 6.18 -6.24
N ASP A 26 -7.97 5.61 -6.72
CA ASP A 26 -7.56 5.76 -8.14
C ASP A 26 -7.75 4.45 -8.89
N CYS A 27 -8.21 3.39 -8.23
CA CYS A 27 -8.48 2.09 -8.91
C CYS A 27 -9.72 2.22 -9.79
N GLN A 28 -9.58 1.82 -11.06
CA GLN A 28 -10.70 1.82 -12.04
C GLN A 28 -11.74 0.81 -11.56
N SER A 29 -12.86 0.73 -12.27
CA SER A 29 -14.07 -0.03 -11.86
C SER A 29 -13.81 -1.53 -11.87
N GLY A 30 -14.10 -2.22 -10.77
CA GLY A 30 -13.95 -3.68 -10.63
C GLY A 30 -12.63 -4.05 -9.97
N TRP A 31 -11.78 -3.06 -9.74
CA TRP A 31 -10.45 -3.25 -9.12
C TRP A 31 -10.53 -2.82 -7.65
N GLU A 32 -9.67 -3.40 -6.83
CA GLU A 32 -9.55 -3.22 -5.36
C GLU A 32 -8.17 -2.65 -5.02
N TRP A 33 -8.13 -1.65 -4.13
CA TRP A 33 -6.85 -1.04 -3.67
C TRP A 33 -6.26 -1.81 -2.49
N PHE A 34 -4.94 -2.04 -2.46
CA PHE A 34 -4.26 -2.52 -1.25
C PHE A 34 -2.76 -2.21 -1.34
N GLY A 35 -2.22 -1.60 -0.27
CA GLY A 35 -0.78 -1.35 -0.11
C GLY A 35 -0.14 -0.74 -1.34
N GLY A 36 -0.76 0.31 -1.93
CA GLY A 36 -0.22 1.16 -3.02
C GLY A 36 -0.50 0.59 -4.42
N SER A 37 -1.21 -0.53 -4.47
CA SER A 37 -1.54 -1.29 -5.72
C SER A 37 -3.04 -1.43 -5.87
N CYS A 38 -3.51 -1.43 -7.11
CA CYS A 38 -4.87 -1.87 -7.51
C CYS A 38 -4.79 -3.28 -8.08
N TYR A 39 -5.66 -4.17 -7.62
CA TYR A 39 -5.75 -5.59 -8.01
C TYR A 39 -7.06 -5.86 -8.74
N LEU A 40 -7.00 -6.79 -9.68
CA LEU A 40 -8.19 -7.37 -10.36
C LEU A 40 -8.16 -8.87 -10.15
N PHE A 41 -9.22 -9.42 -9.57
CA PHE A 41 -9.38 -10.88 -9.44
C PHE A 41 -10.29 -11.26 -10.62
N ASP A 42 -9.68 -11.57 -11.77
CA ASP A 42 -10.45 -11.84 -13.01
C ASP A 42 -10.76 -13.33 -13.09
N GLU A 43 -12.03 -13.70 -13.24
CA GLU A 43 -12.42 -15.14 -13.09
C GLU A 43 -12.61 -15.80 -14.46
N THR A 44 -12.37 -15.09 -15.57
CA THR A 44 -12.28 -15.79 -16.88
C THR A 44 -11.13 -16.82 -16.80
N GLU A 45 -11.36 -18.06 -17.21
CA GLU A 45 -10.32 -19.11 -17.06
C GLU A 45 -9.39 -19.09 -18.30
N ARG A 46 -8.08 -18.98 -18.08
CA ARG A 46 -7.06 -18.91 -19.15
C ARG A 46 -5.84 -19.68 -18.67
N GLY A 47 -5.04 -20.24 -19.59
CA GLY A 47 -3.74 -20.78 -19.21
C GLY A 47 -2.84 -19.64 -18.72
N TRP A 48 -1.68 -20.00 -18.19
CA TRP A 48 -0.79 -19.04 -17.51
C TRP A 48 -0.35 -17.97 -18.54
N GLU A 49 0.04 -18.37 -19.75
CA GLU A 49 0.54 -17.38 -20.74
C GLU A 49 -0.57 -16.43 -21.09
N ASP A 50 -1.79 -16.93 -21.36
CA ASP A 50 -2.92 -16.05 -21.79
C ASP A 50 -3.30 -15.14 -20.60
N SER A 51 -3.21 -15.62 -19.39
CA SER A 51 -3.45 -14.77 -18.18
C SER A 51 -2.44 -13.61 -18.11
N LYS A 52 -1.17 -13.90 -18.40
CA LYS A 52 -0.07 -12.88 -18.47
C LYS A 52 -0.48 -11.80 -19.48
N THR A 53 -0.87 -12.23 -20.67
CA THR A 53 -1.28 -11.38 -21.78
C THR A 53 -2.51 -10.56 -21.36
N PHE A 54 -3.49 -11.18 -20.70
CA PHE A 54 -4.72 -10.47 -20.29
C PHE A 54 -4.35 -9.34 -19.33
N CYS A 55 -3.47 -9.55 -18.37
CA CYS A 55 -3.10 -8.45 -17.42
C CYS A 55 -2.42 -7.31 -18.19
N GLU A 56 -1.56 -7.64 -19.15
CA GLU A 56 -0.93 -6.64 -20.05
C GLU A 56 -2.02 -5.84 -20.80
N SER A 57 -3.12 -6.46 -21.27
CA SER A 57 -4.16 -5.75 -22.06
C SER A 57 -4.86 -4.70 -21.20
N GLN A 58 -4.86 -4.90 -19.89
CA GLN A 58 -5.50 -4.03 -18.86
C GLN A 58 -4.50 -3.01 -18.35
N ASN A 59 -3.38 -2.85 -19.04
CA ASN A 59 -2.27 -1.92 -18.71
C ASN A 59 -1.74 -2.20 -17.29
N ALA A 60 -1.52 -3.49 -17.01
CA ALA A 60 -1.16 -4.06 -15.70
C ALA A 60 -0.22 -5.23 -15.98
N ALA A 61 0.00 -6.07 -14.98
CA ALA A 61 0.80 -7.30 -15.10
C ALA A 61 0.21 -8.30 -14.09
N LEU A 62 0.48 -9.60 -14.22
CA LEU A 62 0.07 -10.58 -13.19
C LEU A 62 0.70 -10.16 -11.85
N VAL A 63 0.07 -10.57 -10.76
CA VAL A 63 0.46 -10.01 -9.44
C VAL A 63 1.81 -10.60 -9.03
N THR A 64 2.62 -9.81 -8.32
CA THR A 64 3.90 -10.19 -7.65
C THR A 64 3.71 -9.96 -6.14
N VAL A 65 4.14 -10.87 -5.31
CA VAL A 65 3.76 -10.81 -3.88
C VAL A 65 5.04 -10.63 -3.07
N GLU A 66 5.31 -9.41 -2.63
CA GLU A 66 6.62 -9.06 -2.01
C GLU A 66 6.57 -9.18 -0.48
N SER A 67 5.40 -9.37 0.14
CA SER A 67 5.24 -9.34 1.60
C SER A 67 4.12 -10.26 2.08
N SER A 68 4.20 -10.63 3.35
CA SER A 68 3.17 -11.38 4.12
C SER A 68 1.85 -10.59 4.10
N GLU A 69 1.91 -9.27 4.26
CA GLU A 69 0.74 -8.34 4.24
C GLU A 69 -0.03 -8.53 2.92
N GLU A 70 0.65 -8.45 1.76
CA GLU A 70 0.06 -8.65 0.39
C GLU A 70 -0.54 -10.07 0.30
N ASP A 71 0.20 -11.08 0.72
CA ASP A 71 -0.20 -12.50 0.68
C ASP A 71 -1.55 -12.64 1.40
N ASP A 72 -1.67 -12.03 2.58
CA ASP A 72 -2.87 -12.13 3.45
C ASP A 72 -4.03 -11.38 2.77
N PHE A 73 -3.76 -10.23 2.16
CA PHE A 73 -4.80 -9.48 1.44
C PHE A 73 -5.37 -10.40 0.35
N ILE A 74 -4.47 -11.04 -0.41
CA ILE A 74 -4.86 -11.92 -1.54
C ILE A 74 -5.68 -13.06 -0.97
N ARG A 75 -5.17 -13.72 0.07
CA ARG A 75 -5.82 -14.92 0.65
C ARG A 75 -7.22 -14.53 1.13
N GLY A 76 -7.36 -13.33 1.69
CA GLY A 76 -8.65 -12.81 2.19
C GLY A 76 -9.70 -12.72 1.10
N VAL A 77 -9.27 -12.35 -0.10
CA VAL A 77 -10.16 -12.26 -1.29
C VAL A 77 -10.48 -13.67 -1.78
N ILE A 78 -9.47 -14.53 -1.99
CA ILE A 78 -9.73 -15.78 -2.74
C ILE A 78 -10.31 -16.83 -1.80
N SER A 79 -10.10 -16.75 -0.48
CA SER A 79 -10.67 -17.74 0.48
C SER A 79 -12.12 -17.39 0.73
N ALA A 80 -12.55 -16.22 0.26
CA ALA A 80 -13.94 -15.69 0.34
C ALA A 80 -14.84 -16.39 -0.67
N GLN A 81 -14.28 -16.87 -1.76
CA GLN A 81 -15.00 -17.59 -2.82
C GLN A 81 -14.64 -19.07 -2.69
N SER A 82 -15.39 -19.95 -3.35
CA SER A 82 -15.23 -21.43 -3.26
C SER A 82 -15.35 -22.10 -4.63
N ALA A 83 -15.62 -21.34 -5.71
CA ALA A 83 -15.75 -21.84 -7.10
C ALA A 83 -14.37 -22.35 -7.56
N PHE A 84 -13.37 -21.48 -7.43
CA PHE A 84 -12.00 -21.79 -7.92
C PHE A 84 -11.05 -22.26 -6.81
N HIS A 85 -10.26 -23.28 -7.12
CA HIS A 85 -9.17 -23.82 -6.29
C HIS A 85 -7.77 -23.34 -6.73
N TYR A 86 -7.63 -22.56 -7.78
CA TYR A 86 -6.31 -21.98 -8.20
C TYR A 86 -6.45 -20.71 -9.03
N TYR A 87 -5.51 -19.81 -8.81
CA TYR A 87 -5.43 -18.49 -9.47
C TYR A 87 -3.98 -18.31 -9.94
N TRP A 88 -3.83 -17.93 -11.20
CA TRP A 88 -2.49 -17.63 -11.78
C TRP A 88 -1.93 -16.32 -11.23
N ILE A 89 -0.62 -16.33 -10.92
CA ILE A 89 0.09 -15.10 -10.49
C ILE A 89 1.41 -14.94 -11.26
N GLY A 90 2.07 -13.80 -11.07
CA GLY A 90 3.17 -13.37 -11.95
C GLY A 90 4.53 -13.88 -11.50
N GLY A 91 4.64 -15.18 -11.29
CA GLY A 91 5.91 -15.89 -10.99
C GLY A 91 6.12 -17.05 -11.95
N SER A 92 7.35 -17.22 -12.47
CA SER A 92 7.66 -18.35 -13.38
C SER A 92 9.15 -18.73 -13.32
N TRP A 93 9.51 -19.86 -13.91
CA TRP A 93 10.91 -20.35 -14.00
C TRP A 93 11.69 -19.34 -14.78
N ASP A 94 12.85 -18.95 -14.26
CA ASP A 94 13.83 -18.11 -15.02
C ASP A 94 15.06 -18.98 -15.28
N ALA A 95 15.19 -19.51 -16.51
CA ALA A 95 16.31 -20.36 -16.97
C ALA A 95 17.64 -19.70 -16.57
N GLU A 96 17.89 -18.48 -17.09
CA GLU A 96 19.07 -17.61 -16.79
C GLU A 96 19.55 -17.81 -15.35
N HIS A 97 18.65 -17.72 -14.38
CA HIS A 97 18.96 -17.68 -12.93
C HIS A 97 18.78 -19.04 -12.30
N SER A 98 18.09 -19.99 -12.97
CA SER A 98 17.85 -21.36 -12.45
C SER A 98 16.99 -21.31 -11.17
N GLU A 99 15.92 -20.52 -11.16
CA GLU A 99 15.01 -20.40 -9.97
C GLU A 99 13.73 -19.71 -10.44
N TYR A 100 12.65 -19.84 -9.66
CA TYR A 100 11.37 -19.07 -9.82
C TYR A 100 11.68 -17.62 -9.52
N ARG A 101 11.24 -16.70 -10.41
CA ARG A 101 11.30 -15.24 -10.20
C ARG A 101 9.95 -14.61 -10.53
N TRP A 102 9.65 -13.49 -9.90
CA TRP A 102 8.53 -12.63 -10.32
C TRP A 102 8.76 -12.22 -11.78
N ILE A 103 7.69 -11.94 -12.52
CA ILE A 103 7.80 -11.77 -14.00
C ILE A 103 8.49 -10.46 -14.33
N ASP A 104 8.59 -9.53 -13.39
CA ASP A 104 9.43 -8.31 -13.56
C ASP A 104 10.93 -8.64 -13.40
N GLY A 105 11.32 -9.91 -13.27
CA GLY A 105 12.73 -10.30 -13.07
C GLY A 105 13.17 -10.33 -11.62
N SER A 106 12.46 -9.63 -10.71
CA SER A 106 12.83 -9.49 -9.28
C SER A 106 12.81 -10.85 -8.56
N SER A 107 13.69 -10.99 -7.57
CA SER A 107 13.84 -12.15 -6.65
C SER A 107 12.58 -12.32 -5.78
N ILE A 108 12.24 -13.58 -5.49
CA ILE A 108 11.18 -14.00 -4.53
C ILE A 108 11.76 -13.97 -3.12
N SER A 109 11.64 -12.84 -2.45
CA SER A 109 12.15 -12.62 -1.07
C SER A 109 11.17 -13.21 -0.05
N PHE A 110 9.89 -12.82 -0.08
CA PHE A 110 8.89 -13.36 0.87
C PHE A 110 8.65 -14.86 0.55
N ASN A 111 8.59 -15.73 1.57
CA ASN A 111 8.35 -17.19 1.36
C ASN A 111 6.85 -17.50 1.51
N GLY A 112 6.15 -17.49 0.38
CA GLY A 112 4.72 -17.82 0.32
C GLY A 112 4.45 -19.15 -0.37
N TRP A 113 5.44 -20.04 -0.50
CA TRP A 113 5.24 -21.42 -1.03
C TRP A 113 4.49 -22.29 -0.04
N GLY A 114 3.64 -23.16 -0.57
CA GLY A 114 2.97 -24.19 0.24
C GLY A 114 3.97 -25.28 0.56
N PRO A 115 3.65 -26.18 1.54
CA PRO A 115 4.56 -27.25 1.92
C PRO A 115 5.04 -28.04 0.69
N ASN A 116 6.37 -28.06 0.48
CA ASN A 116 7.15 -28.86 -0.50
C ASN A 116 7.01 -28.28 -1.90
N ARG A 117 6.96 -26.96 -1.99
CA ARG A 117 6.83 -26.28 -3.30
C ARG A 117 7.95 -25.24 -3.42
N PRO A 118 8.59 -25.07 -4.60
CA PRO A 118 8.21 -25.73 -5.83
C PRO A 118 8.78 -27.15 -5.91
N ASP A 119 8.00 -28.06 -6.48
CA ASP A 119 8.39 -29.51 -6.53
C ASP A 119 9.04 -29.86 -7.86
N ALA A 120 9.22 -28.88 -8.76
CA ALA A 120 9.84 -29.08 -10.09
C ALA A 120 10.09 -27.71 -10.76
N ASP A 121 11.04 -27.69 -11.68
CA ASP A 121 11.47 -26.47 -12.42
C ASP A 121 10.56 -26.25 -13.65
N GLU A 122 10.86 -25.22 -14.44
CA GLU A 122 10.12 -24.85 -15.67
C GLU A 122 8.60 -24.90 -15.44
N GLY A 123 8.13 -24.34 -14.32
CA GLY A 123 6.69 -24.14 -14.07
C GLY A 123 6.31 -22.67 -14.05
N CYS A 124 5.03 -22.41 -13.84
CA CYS A 124 4.44 -21.07 -13.53
C CYS A 124 3.73 -21.23 -12.19
N MET A 125 3.49 -20.13 -11.49
CA MET A 125 2.99 -20.17 -10.10
C MET A 125 1.50 -19.79 -10.06
N ASP A 126 0.81 -20.44 -9.14
CA ASP A 126 -0.60 -20.13 -8.86
C ASP A 126 -0.84 -20.22 -7.36
N TYR A 127 -1.83 -19.49 -6.88
CA TYR A 127 -2.35 -19.82 -5.53
C TYR A 127 -3.18 -21.07 -5.76
N LEU A 128 -3.08 -22.02 -4.85
CA LEU A 128 -3.70 -23.36 -4.89
C LEU A 128 -4.35 -23.65 -3.54
N ASN A 129 -5.63 -24.01 -3.57
CA ASN A 129 -6.37 -24.50 -2.38
C ASN A 129 -6.67 -25.99 -2.58
N TYR A 130 -5.73 -26.89 -2.26
CA TYR A 130 -5.87 -28.34 -2.50
C TYR A 130 -4.93 -29.11 -1.57
N LYS A 131 -5.48 -30.08 -0.82
CA LYS A 131 -4.74 -30.89 0.17
C LYS A 131 -3.99 -29.96 1.14
N GLU A 132 -2.65 -30.07 1.19
CA GLU A 132 -1.76 -29.41 2.18
C GLU A 132 -1.53 -27.94 1.80
N ILE A 133 -1.98 -27.52 0.62
CA ILE A 133 -1.74 -26.13 0.13
C ILE A 133 -3.06 -25.36 0.31
N VAL A 134 -3.14 -24.63 1.42
CA VAL A 134 -4.33 -23.85 1.83
C VAL A 134 -4.11 -22.41 1.37
N TRP A 135 -4.28 -22.18 0.06
CA TRP A 135 -4.15 -20.86 -0.61
C TRP A 135 -2.73 -20.34 -0.37
N GLN A 136 -1.74 -21.18 -0.71
CA GLN A 136 -0.33 -20.78 -0.85
C GLN A 136 0.13 -20.99 -2.30
N TRP A 137 1.39 -20.69 -2.59
CA TRP A 137 1.99 -20.81 -3.94
C TRP A 137 2.27 -22.27 -4.28
N ASN A 138 1.96 -22.67 -5.52
CA ASN A 138 2.36 -23.95 -6.12
C ASN A 138 2.97 -23.63 -7.50
N ASP A 139 3.82 -24.52 -7.98
CA ASP A 139 4.38 -24.53 -9.36
C ASP A 139 3.63 -25.60 -10.15
N HIS A 140 3.12 -25.21 -11.32
CA HIS A 140 2.44 -26.06 -12.33
C HIS A 140 3.33 -26.12 -13.57
N GLN A 141 3.47 -27.28 -14.23
CA GLN A 141 4.42 -27.43 -15.37
C GLN A 141 3.70 -27.32 -16.72
N ASP A 142 2.41 -26.96 -16.75
CA ASP A 142 1.68 -26.61 -18.00
C ASP A 142 1.28 -25.15 -17.92
N CYS A 143 2.10 -24.31 -18.56
CA CYS A 143 1.98 -22.83 -18.51
C CYS A 143 1.17 -22.31 -19.69
N VAL A 144 0.65 -23.22 -20.50
CA VAL A 144 -0.19 -22.90 -21.69
C VAL A 144 -1.67 -23.34 -21.53
N ASN A 145 -1.91 -24.61 -21.22
CA ASN A 145 -3.22 -25.28 -21.46
C ASN A 145 -4.01 -25.51 -20.16
N THR A 146 -3.45 -25.30 -18.98
CA THR A 146 -4.25 -25.40 -17.71
C THR A 146 -4.90 -24.04 -17.44
N LYS A 147 -6.22 -23.96 -17.63
CA LYS A 147 -7.02 -22.70 -17.55
C LYS A 147 -7.49 -22.46 -16.11
N GLY A 148 -7.40 -21.20 -15.68
CA GLY A 148 -7.77 -20.74 -14.34
C GLY A 148 -7.97 -19.25 -14.36
N PRO A 149 -8.57 -18.72 -13.30
CA PRO A 149 -8.66 -17.28 -13.12
C PRO A 149 -7.23 -16.78 -12.80
N SER A 150 -7.11 -15.48 -12.73
CA SER A 150 -5.81 -14.81 -12.48
C SER A 150 -6.02 -13.58 -11.62
N ILE A 151 -4.92 -13.04 -11.14
CA ILE A 151 -4.88 -11.80 -10.30
C ILE A 151 -3.87 -10.85 -10.96
N CYS A 152 -4.35 -9.71 -11.45
CA CYS A 152 -3.58 -8.60 -12.04
C CYS A 152 -3.23 -7.56 -10.96
N GLU A 153 -2.13 -6.83 -11.16
CA GLU A 153 -1.68 -5.77 -10.21
C GLU A 153 -1.15 -4.60 -11.02
N THR A 154 -1.48 -3.35 -10.63
CA THR A 154 -0.80 -2.12 -11.12
C THR A 154 -0.44 -1.28 -9.89
N ASP A 155 0.71 -0.62 -9.94
CA ASP A 155 1.13 0.40 -8.94
C ASP A 155 0.93 1.77 -9.58
N CYS A 156 0.24 1.84 -10.70
CA CYS A 156 -0.26 3.09 -11.37
C CYS A 156 0.88 3.97 -11.89
N SER A 157 2.13 3.48 -11.87
CA SER A 157 3.34 4.16 -12.44
C SER A 157 3.50 3.86 -13.94
N CYS B 22 -13.76 5.78 0.19
CA CYS B 22 -13.61 6.99 -0.62
C CYS B 22 -14.80 7.95 -0.38
N CYS B 23 -14.53 9.12 0.17
CA CYS B 23 -15.53 10.21 0.35
C CYS B 23 -15.77 10.96 -0.96
N SER B 24 -16.93 11.62 -1.07
CA SER B 24 -17.19 12.73 -2.03
C SER B 24 -17.13 14.07 -1.29
N GLU B 25 -17.09 15.17 -2.05
CA GLU B 25 -17.08 16.56 -1.50
C GLU B 25 -18.23 16.68 -0.49
N ASP B 26 -19.39 16.11 -0.82
CA ASP B 26 -20.60 15.98 0.05
C ASP B 26 -20.21 15.68 1.49
N ASP B 27 -19.33 14.70 1.72
CA ASP B 27 -19.08 14.07 3.05
C ASP B 27 -18.15 14.95 3.90
N CYS B 28 -17.43 15.90 3.32
CA CYS B 28 -16.52 16.82 4.08
C CYS B 28 -17.31 17.74 5.01
N PRO B 29 -17.15 17.61 6.34
CA PRO B 29 -17.81 18.54 7.27
C PRO B 29 -17.33 19.97 6.99
N SER B 30 -18.07 20.94 7.51
CA SER B 30 -17.78 22.37 7.31
C SER B 30 -16.34 22.60 7.74
N GLY B 31 -15.56 23.29 6.90
CA GLY B 31 -14.18 23.73 7.18
C GLY B 31 -13.12 22.70 6.81
N TRP B 32 -13.55 21.52 6.38
CA TRP B 32 -12.63 20.44 5.89
C TRP B 32 -12.52 20.52 4.36
N LYS B 33 -11.34 20.29 3.81
CA LYS B 33 -11.03 20.35 2.35
C LYS B 33 -11.12 18.97 1.73
N PHE B 34 -11.74 18.88 0.56
CA PHE B 34 -11.85 17.63 -0.21
C PHE B 34 -10.66 17.47 -1.13
N PHE B 35 -10.07 16.28 -1.17
CA PHE B 35 -9.07 15.88 -2.18
C PHE B 35 -8.97 14.37 -2.32
N GLY B 36 -8.92 13.85 -3.54
CA GLY B 36 -8.59 12.43 -3.77
C GLY B 36 -9.39 11.49 -2.90
N GLY B 37 -10.69 11.73 -2.76
CA GLY B 37 -11.60 10.84 -2.00
C GLY B 37 -11.34 10.87 -0.50
N SER B 38 -10.73 11.94 -0.02
CA SER B 38 -10.51 12.20 1.41
C SER B 38 -10.99 13.60 1.74
N CYS B 39 -11.36 13.77 3.02
CA CYS B 39 -11.66 15.07 3.68
C CYS B 39 -10.54 15.39 4.67
N TYR B 40 -9.99 16.59 4.57
CA TYR B 40 -8.83 16.99 5.40
C TYR B 40 -9.18 18.20 6.27
N LEU B 41 -8.77 18.14 7.52
CA LEU B 41 -8.72 19.28 8.46
C LEU B 41 -7.28 19.74 8.72
N PHE B 42 -6.89 20.93 8.26
CA PHE B 42 -5.61 21.56 8.59
C PHE B 42 -5.81 22.41 9.83
N ASP B 43 -5.60 21.80 10.98
CA ASP B 43 -6.01 22.43 12.25
C ASP B 43 -4.83 23.20 12.82
N GLU B 44 -5.10 24.41 13.31
CA GLU B 44 -4.02 25.36 13.65
C GLU B 44 -3.80 25.39 15.15
N GLY B 45 -4.35 24.46 15.90
CA GLY B 45 -4.07 24.41 17.33
C GLY B 45 -2.62 24.06 17.63
N SER B 46 -2.30 24.04 18.92
CA SER B 46 -0.94 23.87 19.47
C SER B 46 -0.97 22.63 20.38
N ARG B 47 -0.58 21.49 19.82
CA ARG B 47 -0.63 20.22 20.56
C ARG B 47 0.65 19.41 20.31
N GLY B 48 0.99 18.56 21.27
CA GLY B 48 2.01 17.52 21.03
C GLY B 48 1.55 16.56 19.95
N TRP B 49 2.42 15.68 19.47
CA TRP B 49 2.01 14.65 18.49
C TRP B 49 0.89 13.81 19.12
N GLU B 50 1.08 13.38 20.37
CA GLU B 50 0.15 12.47 21.09
C GLU B 50 -1.17 13.24 21.30
N GLY B 51 -1.11 14.53 21.61
CA GLY B 51 -2.29 15.39 21.73
C GLY B 51 -2.97 15.60 20.38
N SER B 52 -2.20 15.74 19.30
CA SER B 52 -2.77 15.85 17.92
C SER B 52 -3.49 14.53 17.58
N LYS B 53 -2.90 13.37 17.90
CA LYS B 53 -3.56 12.06 17.63
C LYS B 53 -4.96 12.02 18.28
N ALA B 54 -5.06 12.35 19.57
CA ALA B 54 -6.34 12.37 20.33
C ALA B 54 -7.31 13.39 19.72
N PHE B 55 -6.79 14.56 19.32
CA PHE B 55 -7.64 15.64 18.72
C PHE B 55 -8.32 15.10 17.47
N CYS B 56 -7.58 14.51 16.54
CA CYS B 56 -8.12 13.90 15.30
C CYS B 56 -9.14 12.82 15.68
N GLU B 57 -8.89 12.03 16.71
CA GLU B 57 -9.84 10.97 17.10
C GLU B 57 -11.13 11.68 17.55
N SER B 58 -11.00 12.79 18.28
CA SER B 58 -12.21 13.46 18.87
C SER B 58 -13.11 13.99 17.76
N LYS B 59 -12.59 14.13 16.54
CA LYS B 59 -13.34 14.54 15.32
C LYS B 59 -13.69 13.33 14.46
N ASP B 60 -13.79 12.13 15.06
CA ASP B 60 -14.06 10.84 14.38
C ASP B 60 -13.11 10.70 13.17
N ALA B 61 -11.85 11.10 13.33
CA ALA B 61 -10.83 11.09 12.26
C ALA B 61 -9.51 10.49 12.76
N SER B 62 -8.52 10.59 11.88
CA SER B 62 -7.13 10.12 12.12
C SER B 62 -6.17 11.22 11.65
N LEU B 63 -5.02 11.30 12.32
CA LEU B 63 -3.86 12.01 11.74
C LEU B 63 -3.64 11.48 10.33
N VAL B 64 -3.37 12.36 9.40
CA VAL B 64 -3.39 12.01 7.96
C VAL B 64 -2.36 10.93 7.65
N THR B 65 -2.69 10.10 6.68
CA THR B 65 -1.80 9.02 6.12
C THR B 65 -1.70 9.32 4.63
N VAL B 66 -0.48 9.29 4.07
CA VAL B 66 -0.18 9.79 2.69
C VAL B 66 0.28 8.59 1.86
N GLU B 67 -0.59 8.13 0.98
CA GLU B 67 -0.41 6.82 0.30
C GLU B 67 0.23 7.01 -1.07
N CYS B 68 0.22 8.23 -1.62
CA CYS B 68 0.69 8.51 -2.99
C CYS B 68 1.17 9.96 -3.15
N SER B 69 1.88 10.21 -4.25
CA SER B 69 2.54 11.52 -4.48
C SER B 69 1.49 12.58 -4.73
N LYS B 70 0.28 12.27 -5.23
CA LYS B 70 -0.71 13.35 -5.51
C LYS B 70 -1.23 13.92 -4.19
N GLU B 71 -1.40 13.05 -3.19
CA GLU B 71 -1.85 13.44 -1.83
C GLU B 71 -0.77 14.26 -1.15
N ASP B 72 0.51 13.95 -1.41
CA ASP B 72 1.68 14.69 -0.87
C ASP B 72 1.70 16.10 -1.49
N ASP B 73 1.40 16.17 -2.78
CA ASP B 73 1.45 17.45 -3.54
C ASP B 73 0.29 18.28 -3.04
N PHE B 74 -0.86 17.64 -2.80
CA PHE B 74 -2.05 18.34 -2.28
C PHE B 74 -1.67 19.02 -0.98
N ILE B 75 -1.21 18.21 -0.02
CA ILE B 75 -0.81 18.72 1.33
C ILE B 75 0.19 19.88 1.20
N ARG B 76 1.25 19.71 0.41
CA ARG B 76 2.28 20.75 0.26
C ARG B 76 1.63 22.04 -0.29
N GLY B 77 0.66 21.91 -1.18
CA GLY B 77 -0.08 23.06 -1.72
C GLY B 77 -0.72 23.87 -0.62
N ILE B 78 -1.39 23.20 0.32
CA ILE B 78 -2.09 23.89 1.44
C ILE B 78 -1.06 24.49 2.41
N LEU B 79 -0.02 23.74 2.78
CA LEU B 79 0.96 24.15 3.82
C LEU B 79 1.82 25.30 3.32
N SER B 80 2.06 25.33 2.01
CA SER B 80 2.82 26.44 1.38
C SER B 80 1.93 27.69 1.21
N GLY B 81 0.65 27.62 1.50
CA GLY B 81 -0.25 28.79 1.43
C GLY B 81 -0.17 29.70 2.65
N GLN B 82 0.58 29.30 3.68
CA GLN B 82 0.68 30.04 4.97
C GLN B 82 2.15 30.08 5.38
N THR B 83 2.54 30.98 6.29
CA THR B 83 3.95 31.08 6.78
C THR B 83 4.04 31.27 8.31
N ALA B 84 2.92 31.26 9.04
CA ALA B 84 2.87 31.30 10.52
C ALA B 84 3.51 30.04 11.13
N LYS B 85 3.34 28.91 10.45
CA LYS B 85 3.69 27.59 11.03
C LYS B 85 4.74 26.92 10.14
N HIS B 86 5.67 26.19 10.74
CA HIS B 86 6.71 25.49 9.94
C HIS B 86 6.70 23.97 10.14
N TYR B 87 5.76 23.41 10.90
CA TYR B 87 5.56 21.95 10.88
C TYR B 87 4.12 21.64 11.25
N TYR B 88 3.56 20.59 10.63
CA TYR B 88 2.26 19.99 10.99
C TYR B 88 2.41 18.48 11.25
N TRP B 89 1.87 18.01 12.38
CA TRP B 89 1.95 16.56 12.77
C TRP B 89 1.18 15.68 11.77
N ILE B 90 1.67 14.47 11.46
CA ILE B 90 0.96 13.49 10.58
C ILE B 90 0.91 12.12 11.27
N GLY B 91 0.18 11.13 10.72
CA GLY B 91 -0.18 9.88 11.42
C GLY B 91 0.86 8.79 11.22
N ALA B 92 2.12 9.14 11.48
CA ALA B 92 3.26 8.19 11.37
C ALA B 92 4.15 8.35 12.60
N ARG B 93 4.72 7.24 13.08
CA ARG B 93 5.73 7.26 14.16
C ARG B 93 6.51 5.94 14.11
N TRP B 94 7.47 5.86 14.98
CA TRP B 94 8.35 4.67 15.09
C TRP B 94 7.51 3.55 15.70
N ASN B 95 7.54 2.39 15.05
CA ASN B 95 6.78 1.17 15.38
C ASN B 95 7.76 0.18 16.00
N GLU B 96 7.51 -0.20 17.25
CA GLU B 96 8.39 -1.08 18.05
C GLU B 96 8.22 -2.50 17.56
N GLU B 97 6.98 -2.92 17.28
CA GLU B 97 6.69 -4.25 16.69
C GLU B 97 7.62 -4.44 15.46
N HIS B 98 7.59 -3.57 14.47
CA HIS B 98 8.30 -3.78 13.17
C HIS B 98 9.68 -3.11 13.12
N ASN B 99 10.07 -2.31 14.13
CA ASN B 99 11.35 -1.55 14.16
C ASN B 99 11.51 -0.76 12.85
N ASP B 100 10.49 0.02 12.52
CA ASP B 100 10.55 0.92 11.35
C ASP B 100 9.62 2.10 11.60
N TYR B 101 9.66 3.07 10.71
CA TYR B 101 8.66 4.14 10.61
C TYR B 101 7.55 3.66 9.68
N ARG B 102 6.30 3.79 10.13
CA ARG B 102 5.12 3.50 9.29
C ARG B 102 3.91 4.30 9.81
N TRP B 103 2.76 4.07 9.20
CA TRP B 103 1.52 4.79 9.58
C TRP B 103 0.96 4.21 10.89
N ILE B 104 0.19 5.04 11.60
CA ILE B 104 -0.34 4.66 12.95
C ILE B 104 -1.37 3.53 12.82
N ASP B 105 -1.92 3.27 11.62
CA ASP B 105 -2.86 2.13 11.42
C ASP B 105 -2.09 0.81 11.26
N GLY B 106 -0.75 0.83 11.20
CA GLY B 106 0.09 -0.36 11.01
C GLY B 106 0.51 -0.56 9.56
N SER B 107 -0.03 0.22 8.62
CA SER B 107 0.27 0.10 7.17
C SER B 107 1.70 0.56 6.95
N PRO B 108 2.57 -0.23 6.27
CA PRO B 108 3.89 0.25 5.87
C PRO B 108 3.71 1.40 4.86
N PHE B 109 4.72 2.26 4.76
CA PHE B 109 4.78 3.36 3.79
C PHE B 109 4.66 2.82 2.36
N THR B 110 3.91 3.49 1.49
CA THR B 110 3.92 3.15 0.04
C THR B 110 4.77 4.25 -0.57
N PHE B 111 4.20 5.44 -0.67
CA PHE B 111 4.89 6.70 -1.06
C PHE B 111 5.84 7.02 0.08
N ILE B 112 7.04 7.44 -0.27
CA ILE B 112 8.09 7.89 0.71
C ILE B 112 8.27 9.38 0.55
N GLY B 113 8.10 10.16 1.62
CA GLY B 113 8.09 11.63 1.51
C GLY B 113 9.18 12.30 2.33
N TRP B 114 10.28 11.59 2.68
CA TRP B 114 11.29 12.12 3.61
C TRP B 114 11.96 13.33 2.95
N GLY B 115 12.23 14.40 3.68
CA GLY B 115 12.95 15.54 3.09
C GLY B 115 14.45 15.24 2.94
N PRO B 116 15.26 16.05 2.20
CA PRO B 116 16.72 15.84 2.12
C PRO B 116 17.36 15.66 3.51
N GLY B 117 18.10 14.56 3.68
CA GLY B 117 18.86 14.23 4.89
C GLY B 117 18.02 13.56 5.95
N LYS B 118 16.69 13.50 5.78
CA LYS B 118 15.81 12.78 6.71
C LYS B 118 15.58 11.33 6.29
N PRO B 119 15.26 10.39 7.21
CA PRO B 119 15.03 10.69 8.62
C PRO B 119 16.27 10.81 9.48
N ASP B 120 16.17 11.41 10.65
CA ASP B 120 17.34 11.52 11.55
C ASP B 120 17.47 10.24 12.38
N ASN B 121 16.47 9.34 12.30
CA ASN B 121 16.46 8.02 13.00
C ASN B 121 16.46 8.22 14.51
N ASN B 122 15.51 8.99 15.05
CA ASN B 122 15.47 9.34 16.50
C ASN B 122 14.31 8.58 17.11
N LYS B 123 13.70 7.65 16.37
CA LYS B 123 12.58 6.80 16.83
C LYS B 123 11.42 7.64 17.36
N GLY B 124 11.07 8.67 16.61
CA GLY B 124 10.04 9.64 17.04
C GLY B 124 8.86 9.68 16.12
N CYS B 125 8.29 10.88 15.98
CA CYS B 125 6.98 11.11 15.35
C CYS B 125 7.16 11.99 14.11
N LEU B 126 6.34 11.78 13.08
CA LEU B 126 6.51 12.47 11.81
C LEU B 126 5.62 13.72 11.78
N ASP B 127 6.15 14.72 11.14
CA ASP B 127 5.47 15.93 10.66
C ASP B 127 5.86 16.18 9.20
N TYR B 128 5.08 17.05 8.56
CA TYR B 128 5.56 17.88 7.42
C TYR B 128 6.29 19.05 8.04
N LEU B 129 7.53 19.28 7.57
CA LEU B 129 8.47 20.34 8.01
C LEU B 129 8.86 21.26 6.86
N ASN B 130 8.95 22.56 7.12
CA ASN B 130 9.55 23.59 6.24
C ASN B 130 10.64 24.28 7.05
N TYR B 131 11.88 23.84 6.84
CA TYR B 131 13.08 24.36 7.56
C TYR B 131 14.31 23.99 6.74
N LYS B 132 15.05 25.03 6.35
CA LYS B 132 16.26 24.97 5.49
C LYS B 132 15.95 24.05 4.31
N GLU B 133 16.74 22.98 4.13
CA GLU B 133 16.67 22.14 2.91
C GLU B 133 15.42 21.22 2.90
N VAL B 134 14.61 21.15 3.97
CA VAL B 134 13.36 20.33 4.01
C VAL B 134 12.22 21.26 3.64
N VAL B 135 11.61 21.09 2.47
CA VAL B 135 10.70 22.12 1.87
C VAL B 135 9.30 21.54 1.80
N TRP B 136 8.67 21.47 2.97
CA TRP B 136 7.35 20.83 3.21
C TRP B 136 7.44 19.35 2.81
N GLN B 137 8.26 18.62 3.57
CA GLN B 137 8.55 17.18 3.41
C GLN B 137 8.65 16.54 4.80
N TRP B 138 8.72 15.23 4.86
CA TRP B 138 8.57 14.52 6.16
C TRP B 138 9.86 14.68 6.95
N ASN B 139 9.69 14.80 8.24
CA ASN B 139 10.81 14.82 9.23
C ASN B 139 10.34 14.02 10.45
N ASP B 140 11.25 13.45 11.23
CA ASP B 140 10.93 12.74 12.47
C ASP B 140 11.41 13.57 13.65
N HIS B 141 10.56 13.75 14.65
CA HIS B 141 10.93 14.54 15.84
C HIS B 141 11.03 13.59 17.03
N VAL B 142 12.01 13.77 17.89
CA VAL B 142 12.27 12.81 19.01
C VAL B 142 11.18 12.92 20.07
N ASP B 143 10.57 14.09 20.19
CA ASP B 143 9.60 14.38 21.28
C ASP B 143 8.18 14.32 20.73
N CYS B 144 7.48 13.26 21.10
CA CYS B 144 6.12 12.91 20.63
C CYS B 144 5.05 13.47 21.59
N GLU B 145 5.44 14.07 22.73
CA GLU B 145 4.49 14.52 23.80
C GLU B 145 4.47 16.05 23.97
N ASN B 146 5.65 16.68 24.12
CA ASN B 146 5.74 18.09 24.65
C ASN B 146 6.36 19.03 23.62
N THR B 147 6.31 18.73 22.33
CA THR B 147 6.62 19.72 21.28
C THR B 147 5.33 20.04 20.54
N ASN B 148 4.89 21.29 20.65
CA ASN B 148 3.50 21.66 20.33
C ASN B 148 3.41 22.18 18.92
N GLY B 149 2.42 21.76 18.17
CA GLY B 149 2.21 22.24 16.78
C GLY B 149 0.81 21.93 16.27
N PRO B 150 0.52 22.41 15.05
CA PRO B 150 -0.76 22.16 14.38
C PRO B 150 -0.62 20.76 13.76
N CYS B 151 -1.67 20.30 13.12
CA CYS B 151 -1.76 18.91 12.66
C CYS B 151 -2.70 18.82 11.46
N ILE B 152 -2.71 17.67 10.79
CA ILE B 152 -3.62 17.45 9.66
C ILE B 152 -4.44 16.21 9.95
N CYS B 153 -5.76 16.31 10.14
CA CYS B 153 -6.64 15.12 10.32
C CYS B 153 -7.20 14.73 8.94
N GLU B 154 -7.55 13.46 8.78
CA GLU B 154 -8.10 12.92 7.51
C GLU B 154 -9.28 11.99 7.82
N ILE B 155 -10.37 12.12 7.06
CA ILE B 155 -11.50 11.15 6.97
C ILE B 155 -11.47 10.63 5.53
N ASP B 156 -11.26 9.32 5.33
CA ASP B 156 -11.10 8.75 3.95
C ASP B 156 -12.27 7.80 3.63
N CYS B 157 -13.24 7.68 4.56
CA CYS B 157 -14.54 6.96 4.39
C CYS B 157 -14.30 5.49 4.03
N SER B 158 -13.26 4.86 4.58
CA SER B 158 -12.88 3.43 4.35
C SER B 158 -13.28 2.60 5.56
CA CA C . 2.94 -6.64 -5.32
C1 NAG D . -2.66 -29.82 -8.74
C2 NAG D . -2.07 -28.49 -9.18
C3 NAG D . -0.72 -29.17 -9.49
C4 NAG D . -0.21 -29.77 -8.23
C5 NAG D . -1.22 -30.64 -7.48
C6 NAG D . -0.61 -31.08 -6.17
C7 NAG D . -2.66 -26.58 -10.53
C8 NAG D . -3.33 -26.16 -11.75
N2 NAG D . -2.75 -27.91 -10.30
O1 NAG D . -3.76 -30.33 -9.35
O3 NAG D . 0.27 -28.29 -10.00
O4 NAG D . 0.97 -30.60 -8.45
O5 NAG D . -2.48 -29.93 -7.36
O6 NAG D . -0.53 -29.95 -5.33
O7 NAG D . -2.08 -25.76 -9.81
CA CA E . 4.70 -28.69 -9.97
CA CA F . -4.69 9.35 2.84
C1 NAG G . 13.13 21.14 13.65
C2 NAG G . 12.15 20.00 13.73
C3 NAG G . 13.28 19.01 14.16
C4 NAG G . 14.36 18.99 13.11
C5 NAG G . 14.81 20.38 12.76
C6 NAG G . 15.87 20.40 11.69
C7 NAG G . 9.93 19.49 14.43
C8 NAG G . 9.01 19.57 15.57
N2 NAG G . 11.08 20.10 14.66
O1 NAG G . 13.20 22.37 14.29
O3 NAG G . 12.89 17.72 14.29
O4 NAG G . 15.50 18.31 13.61
O5 NAG G . 13.66 21.14 12.39
O6 NAG G . 15.45 19.66 10.55
O7 NAG G . 9.67 18.90 13.35
CA CA H . 14.23 14.88 12.70
#